data_2GW3
#
_entry.id   2GW3
#
_cell.length_a   132.496
_cell.length_b   80.476
_cell.length_c   53.528
_cell.angle_alpha   90.00
_cell.angle_beta   113.82
_cell.angle_gamma   90.00
#
_symmetry.space_group_name_H-M   'C 1 2 1'
#
loop_
_entity.id
_entity.type
_entity.pdbx_description
1 polymer Kaede
2 non-polymer 'NICKEL (II) ION'
3 water water
#
_entity_poly.entity_id   1
_entity_poly.type   'polypeptide(L)'
_entity_poly.pdbx_seq_one_letter_code
;APMSLIKPEMKIKLLMEGNVNGHQFVIEGDGKGHPFEGKQSMDLVVKEGAPLPFAYDILTTAF(CR8)NRVFAKYPDHIP
DYFKQSFPKGFSWERSLMFEDGGVCIATNDITLKGDTFFNKVRFDGVNFPPNGPVMQKKTLKWEASTEKMYLRDGVLTGD
ITMALLLKGDVHYRCDFRTTYKSRQEGVKLPGYHFVDHCISILRHDKDYNEVKLYEHAVAHSGLPDNVK
;
_entity_poly.pdbx_strand_id   A,B
#
# COMPACT_ATOMS: atom_id res chain seq x y z
N PRO A 2 1.72 -10.22 -27.26
CA PRO A 2 0.35 -10.67 -27.63
C PRO A 2 -0.65 -9.54 -27.82
N MET A 3 -1.51 -9.70 -28.81
CA MET A 3 -2.58 -8.72 -29.06
C MET A 3 -3.80 -9.44 -28.53
N SER A 4 -4.26 -9.01 -27.37
CA SER A 4 -5.36 -9.66 -26.68
C SER A 4 -6.70 -9.77 -27.39
N LEU A 5 -7.25 -10.98 -27.36
CA LEU A 5 -8.55 -11.24 -27.95
C LEU A 5 -9.60 -11.41 -26.86
N ILE A 6 -9.25 -11.06 -25.62
CA ILE A 6 -10.21 -11.13 -24.53
C ILE A 6 -11.34 -10.19 -24.88
N LYS A 7 -12.58 -10.62 -24.63
CA LYS A 7 -13.76 -9.84 -24.96
C LYS A 7 -14.22 -8.93 -23.84
N PRO A 8 -15.08 -7.94 -24.16
CA PRO A 8 -15.60 -7.02 -23.15
C PRO A 8 -16.47 -7.72 -22.11
N GLU A 9 -17.01 -8.89 -22.46
CA GLU A 9 -17.82 -9.67 -21.54
C GLU A 9 -17.25 -11.09 -21.51
N MET A 10 -16.93 -11.58 -20.32
CA MET A 10 -16.38 -12.93 -20.19
C MET A 10 -17.06 -13.64 -19.04
N LYS A 11 -17.00 -14.98 -19.04
CA LYS A 11 -17.59 -15.77 -17.98
C LYS A 11 -16.48 -16.35 -17.10
N ILE A 12 -16.84 -16.81 -15.92
CA ILE A 12 -15.86 -17.35 -14.97
C ILE A 12 -16.38 -18.60 -14.27
N LYS A 13 -15.54 -19.63 -14.20
CA LYS A 13 -15.86 -20.86 -13.48
C LYS A 13 -14.71 -21.06 -12.50
N LEU A 14 -15.03 -21.43 -11.27
CA LEU A 14 -14.01 -21.58 -10.26
C LEU A 14 -14.26 -22.70 -9.27
N LEU A 15 -13.17 -23.34 -8.85
CA LEU A 15 -13.27 -24.38 -7.83
C LEU A 15 -12.14 -24.15 -6.85
N MET A 16 -12.49 -23.98 -5.57
CA MET A 16 -11.50 -23.79 -4.51
C MET A 16 -11.53 -24.94 -3.52
N GLU A 17 -10.36 -25.49 -3.25
CA GLU A 17 -10.22 -26.54 -2.25
C GLU A 17 -9.39 -25.89 -1.16
N GLY A 18 -9.86 -25.95 0.08
CA GLY A 18 -9.11 -25.30 1.14
C GLY A 18 -9.10 -25.98 2.48
N ASN A 19 -8.27 -25.45 3.36
CA ASN A 19 -8.14 -25.94 4.71
C ASN A 19 -7.64 -24.78 5.56
N VAL A 20 -8.45 -24.35 6.52
CA VAL A 20 -8.09 -23.25 7.41
C VAL A 20 -8.18 -23.77 8.84
N ASN A 21 -7.07 -23.69 9.57
CA ASN A 21 -6.99 -24.14 10.97
C ASN A 21 -7.55 -25.55 11.12
N GLY A 22 -7.29 -26.39 10.13
CA GLY A 22 -7.74 -27.76 10.18
C GLY A 22 -9.11 -28.04 9.58
N HIS A 23 -9.85 -26.99 9.26
CA HIS A 23 -11.18 -27.17 8.67
C HIS A 23 -11.11 -27.26 7.14
N GLN A 24 -11.48 -28.42 6.60
CA GLN A 24 -11.44 -28.64 5.17
C GLN A 24 -12.74 -28.17 4.52
N PHE A 25 -12.64 -27.62 3.32
CA PHE A 25 -13.82 -27.15 2.59
C PHE A 25 -13.59 -27.07 1.10
N VAL A 26 -14.69 -27.02 0.36
CA VAL A 26 -14.67 -26.88 -1.09
C VAL A 26 -15.73 -25.85 -1.44
N ILE A 27 -15.37 -24.89 -2.28
CA ILE A 27 -16.29 -23.83 -2.72
C ILE A 27 -16.27 -23.74 -4.24
N GLU A 28 -17.46 -23.65 -4.82
CA GLU A 28 -17.57 -23.53 -6.27
C GLU A 28 -18.05 -22.12 -6.62
N GLY A 29 -17.48 -21.55 -7.67
CA GLY A 29 -17.86 -20.21 -8.10
C GLY A 29 -18.30 -20.17 -9.56
N ASP A 30 -19.32 -19.35 -9.82
CA ASP A 30 -19.85 -19.16 -11.18
C ASP A 30 -20.01 -17.67 -11.31
N GLY A 31 -19.32 -17.06 -12.26
CA GLY A 31 -19.40 -15.62 -12.39
C GLY A 31 -19.19 -15.08 -13.79
N LYS A 32 -18.96 -13.78 -13.84
CA LYS A 32 -18.76 -13.11 -15.12
C LYS A 32 -18.13 -11.76 -14.86
N GLY A 33 -17.67 -11.10 -15.92
CA GLY A 33 -17.07 -9.80 -15.71
C GLY A 33 -16.83 -9.03 -16.99
N HIS A 34 -16.37 -7.79 -16.83
CA HIS A 34 -16.07 -6.89 -17.93
C HIS A 34 -14.58 -6.58 -17.76
N PRO A 35 -13.72 -7.35 -18.42
CA PRO A 35 -12.28 -7.15 -18.31
C PRO A 35 -11.76 -5.74 -18.49
N PHE A 36 -12.26 -5.04 -19.50
CA PHE A 36 -11.77 -3.69 -19.78
C PHE A 36 -12.33 -2.63 -18.85
N GLU A 37 -13.36 -2.98 -18.08
CA GLU A 37 -13.94 -2.04 -17.10
C GLU A 37 -13.34 -2.36 -15.72
N GLY A 38 -12.67 -3.50 -15.60
CA GLY A 38 -12.10 -3.92 -14.33
C GLY A 38 -13.15 -4.30 -13.29
N LYS A 39 -14.25 -4.89 -13.75
CA LYS A 39 -15.35 -5.27 -12.86
C LYS A 39 -15.75 -6.72 -13.07
N GLN A 40 -16.05 -7.40 -11.97
CA GLN A 40 -16.50 -8.79 -12.05
C GLN A 40 -17.36 -9.13 -10.86
N SER A 41 -18.18 -10.16 -11.00
CA SER A 41 -19.03 -10.60 -9.91
C SER A 41 -19.10 -12.12 -9.98
N MET A 42 -19.38 -12.75 -8.85
CA MET A 42 -19.43 -14.20 -8.81
C MET A 42 -20.39 -14.72 -7.75
N ASP A 43 -21.02 -15.86 -8.06
CA ASP A 43 -21.90 -16.55 -7.13
C ASP A 43 -21.06 -17.68 -6.55
N LEU A 44 -20.89 -17.71 -5.24
CA LEU A 44 -20.08 -18.72 -4.57
C LEU A 44 -20.94 -19.64 -3.70
N VAL A 45 -20.71 -20.95 -3.80
CA VAL A 45 -21.45 -21.93 -3.03
C VAL A 45 -20.50 -22.90 -2.30
N VAL A 46 -20.70 -23.06 -1.00
CA VAL A 46 -19.88 -23.99 -0.21
C VAL A 46 -20.44 -25.38 -0.51
N LYS A 47 -19.61 -26.23 -1.11
CA LYS A 47 -20.01 -27.59 -1.47
C LYS A 47 -19.64 -28.64 -0.43
N GLU A 48 -18.58 -28.36 0.34
CA GLU A 48 -18.12 -29.27 1.39
C GLU A 48 -17.58 -28.42 2.53
N GLY A 49 -17.82 -28.86 3.76
CA GLY A 49 -17.31 -28.15 4.91
C GLY A 49 -18.24 -27.09 5.46
N ALA A 50 -19.49 -27.09 5.03
CA ALA A 50 -20.43 -26.09 5.54
C ALA A 50 -20.97 -26.50 6.91
N PRO A 51 -21.16 -25.54 7.83
CA PRO A 51 -20.92 -24.10 7.68
C PRO A 51 -19.48 -23.81 8.05
N LEU A 52 -18.84 -22.89 7.35
CA LEU A 52 -17.44 -22.56 7.64
C LEU A 52 -17.33 -21.93 9.03
N PRO A 53 -16.32 -22.36 9.81
CA PRO A 53 -16.13 -21.83 11.16
C PRO A 53 -15.20 -20.63 11.26
N PHE A 54 -14.92 -19.99 10.13
CA PHE A 54 -14.03 -18.84 10.13
C PHE A 54 -14.58 -17.78 9.20
N ALA A 55 -14.03 -16.57 9.31
CA ALA A 55 -14.44 -15.42 8.51
C ALA A 55 -14.29 -15.64 7.02
N TYR A 56 -15.42 -15.59 6.32
CA TYR A 56 -15.41 -15.79 4.88
C TYR A 56 -14.51 -14.80 4.18
N ASP A 57 -14.44 -13.57 4.70
CA ASP A 57 -13.62 -12.55 4.09
C ASP A 57 -12.17 -12.97 3.83
N ILE A 58 -11.59 -13.85 4.64
CA ILE A 58 -10.20 -14.18 4.35
C ILE A 58 -10.00 -14.84 2.99
N LEU A 59 -11.07 -15.43 2.46
CA LEU A 59 -11.01 -16.14 1.20
C LEU A 59 -11.29 -15.34 -0.05
N THR A 60 -11.98 -14.22 0.11
CA THR A 60 -12.47 -13.53 -1.07
C THR A 60 -11.53 -13.06 -2.15
N THR A 61 -10.33 -12.61 -1.80
CA THR A 61 -9.42 -12.19 -2.86
C THR A 61 -8.90 -13.40 -3.63
N ALA A 62 -9.10 -14.60 -3.12
CA ALA A 62 -8.66 -15.78 -3.89
C ALA A 62 -9.69 -16.04 -5.00
N PHE A 63 -10.91 -15.51 -4.84
CA PHE A 63 -11.95 -15.65 -5.87
C PHE A 63 -11.79 -14.46 -6.86
N ASN A 65 -8.25 -12.71 -10.14
CA ASN A 65 -7.87 -12.72 -11.55
C ASN A 65 -7.70 -11.29 -12.04
N ARG A 66 -6.45 -10.85 -12.07
CA ARG A 66 -6.11 -9.49 -12.44
C ARG A 66 -6.44 -9.11 -13.89
N VAL A 67 -6.99 -10.06 -14.66
CA VAL A 67 -7.46 -9.75 -16.02
C VAL A 67 -8.59 -8.73 -15.83
N PHE A 68 -9.31 -8.87 -14.72
CA PHE A 68 -10.40 -7.95 -14.41
C PHE A 68 -9.88 -6.73 -13.66
N ALA A 69 -9.19 -5.89 -14.42
CA ALA A 69 -8.64 -4.64 -13.91
C ALA A 69 -8.52 -3.73 -15.13
N LYS A 70 -8.95 -2.48 -14.99
CA LYS A 70 -8.90 -1.53 -16.10
C LYS A 70 -7.48 -0.99 -16.27
N TYR A 71 -6.79 -1.44 -17.30
CA TYR A 71 -5.42 -0.99 -17.58
C TYR A 71 -5.39 0.12 -18.62
N PRO A 72 -4.70 1.23 -18.32
CA PRO A 72 -4.62 2.32 -19.30
C PRO A 72 -3.62 1.89 -20.36
N ASP A 73 -3.68 2.50 -21.53
CA ASP A 73 -2.79 2.13 -22.63
C ASP A 73 -1.30 2.27 -22.36
N HIS A 74 -0.91 3.17 -21.48
CA HIS A 74 0.51 3.37 -21.22
C HIS A 74 1.16 2.36 -20.27
N ILE A 75 0.38 1.44 -19.72
CA ILE A 75 0.95 0.42 -18.84
C ILE A 75 0.69 -0.96 -19.44
N PRO A 76 1.76 -1.70 -19.76
CA PRO A 76 1.55 -3.03 -20.32
C PRO A 76 0.67 -3.84 -19.37
N ASP A 77 -0.28 -4.56 -19.94
CA ASP A 77 -1.25 -5.36 -19.21
C ASP A 77 -0.75 -6.80 -19.27
N TYR A 78 -0.03 -7.22 -18.24
CA TYR A 78 0.53 -8.57 -18.18
C TYR A 78 -0.53 -9.65 -18.30
N PHE A 79 -1.69 -9.34 -17.74
CA PHE A 79 -2.78 -10.30 -17.67
C PHE A 79 -3.57 -10.51 -18.95
N LYS A 80 -3.97 -9.43 -19.60
CA LYS A 80 -4.73 -9.60 -20.84
C LYS A 80 -3.83 -10.15 -21.95
N GLN A 81 -2.51 -10.01 -21.79
CA GLN A 81 -1.56 -10.54 -22.77
C GLN A 81 -1.33 -12.04 -22.56
N SER A 82 -1.70 -12.54 -21.37
CA SER A 82 -1.43 -13.94 -21.03
C SER A 82 -2.36 -14.99 -21.58
N PHE A 83 -2.96 -14.75 -22.74
CA PHE A 83 -3.84 -15.74 -23.29
C PHE A 83 -3.49 -15.95 -24.75
N PRO A 84 -3.91 -17.09 -25.33
CA PRO A 84 -4.68 -18.20 -24.79
C PRO A 84 -4.11 -19.16 -23.73
N LYS A 85 -2.80 -19.20 -23.55
CA LYS A 85 -2.21 -20.14 -22.62
C LYS A 85 -2.54 -19.96 -21.14
N GLY A 86 -2.78 -18.72 -20.72
CA GLY A 86 -3.14 -18.47 -19.34
C GLY A 86 -1.98 -18.11 -18.42
N PHE A 87 -2.31 -17.97 -17.14
CA PHE A 87 -1.29 -17.64 -16.15
C PHE A 87 -1.70 -18.18 -14.80
N SER A 88 -0.77 -18.18 -13.86
CA SER A 88 -1.08 -18.63 -12.52
C SER A 88 -0.55 -17.60 -11.55
N TRP A 89 -1.02 -17.67 -10.32
CA TRP A 89 -0.50 -16.78 -9.30
C TRP A 89 -0.44 -17.50 -7.97
N GLU A 90 0.43 -16.99 -7.11
CA GLU A 90 0.66 -17.53 -5.77
C GLU A 90 0.59 -16.33 -4.84
N ARG A 91 0.05 -16.53 -3.65
CA ARG A 91 -0.07 -15.41 -2.72
C ARG A 91 0.13 -15.81 -1.28
N SER A 92 0.83 -14.95 -0.53
CA SER A 92 0.97 -15.15 0.89
C SER A 92 0.14 -14.04 1.54
N LEU A 93 -0.60 -14.39 2.58
CA LEU A 93 -1.44 -13.46 3.34
C LEU A 93 -0.90 -13.56 4.77
N MET A 94 -0.25 -12.52 5.24
CA MET A 94 0.32 -12.54 6.59
C MET A 94 -0.47 -11.60 7.48
N PHE A 95 -1.25 -12.17 8.39
CA PHE A 95 -2.08 -11.37 9.28
C PHE A 95 -1.31 -10.92 10.51
N GLU A 96 -1.67 -9.76 11.04
CA GLU A 96 -0.93 -9.21 12.16
C GLU A 96 -0.94 -9.99 13.46
N ASP A 97 -1.88 -10.91 13.63
CA ASP A 97 -1.91 -11.71 14.85
C ASP A 97 -1.30 -13.10 14.67
N GLY A 98 -0.56 -13.30 13.58
CA GLY A 98 0.10 -14.58 13.36
C GLY A 98 -0.52 -15.49 12.32
N GLY A 99 -1.76 -15.23 11.95
CA GLY A 99 -2.38 -16.08 10.94
C GLY A 99 -1.62 -15.95 9.64
N VAL A 100 -1.43 -17.07 8.97
CA VAL A 100 -0.74 -17.08 7.67
C VAL A 100 -1.52 -17.94 6.69
N CYS A 101 -1.78 -17.39 5.51
CA CYS A 101 -2.46 -18.16 4.47
C CYS A 101 -1.66 -18.13 3.19
N ILE A 102 -1.85 -19.18 2.40
CA ILE A 102 -1.26 -19.27 1.08
C ILE A 102 -2.42 -19.59 0.17
N ALA A 103 -2.53 -18.85 -0.93
CA ALA A 103 -3.58 -19.10 -1.91
C ALA A 103 -2.90 -19.18 -3.25
N THR A 104 -3.40 -20.05 -4.10
CA THR A 104 -2.86 -20.17 -5.45
C THR A 104 -4.03 -20.35 -6.41
N ASN A 105 -3.82 -19.94 -7.65
CA ASN A 105 -4.85 -20.07 -8.66
C ASN A 105 -4.16 -20.30 -10.00
N ASP A 106 -4.62 -21.32 -10.71
CA ASP A 106 -4.12 -21.59 -12.06
C ASP A 106 -5.31 -21.21 -12.94
N ILE A 107 -5.11 -20.19 -13.77
CA ILE A 107 -6.17 -19.68 -14.62
C ILE A 107 -5.98 -20.08 -16.08
N THR A 108 -7.03 -20.68 -16.64
CA THR A 108 -7.01 -21.09 -18.03
C THR A 108 -8.23 -20.50 -18.72
N LEU A 109 -8.27 -20.64 -20.04
CA LEU A 109 -9.36 -20.09 -20.83
C LEU A 109 -9.89 -21.11 -21.84
N LYS A 110 -11.20 -21.24 -21.87
CA LYS A 110 -11.87 -22.14 -22.81
C LYS A 110 -13.04 -21.36 -23.36
N GLY A 111 -13.02 -21.08 -24.66
CA GLY A 111 -14.11 -20.29 -25.23
C GLY A 111 -14.08 -18.91 -24.60
N ASP A 112 -15.20 -18.46 -24.04
CA ASP A 112 -15.21 -17.14 -23.40
C ASP A 112 -15.26 -17.27 -21.88
N THR A 113 -14.79 -18.40 -21.36
CA THR A 113 -14.83 -18.64 -19.94
C THR A 113 -13.45 -18.87 -19.31
N PHE A 114 -13.18 -18.13 -18.24
CA PHE A 114 -11.93 -18.33 -17.51
C PHE A 114 -12.19 -19.41 -16.47
N PHE A 115 -11.30 -20.40 -16.41
CA PHE A 115 -11.42 -21.47 -15.42
C PHE A 115 -10.34 -21.22 -14.37
N ASN A 116 -10.71 -21.45 -13.11
CA ASN A 116 -9.82 -21.19 -11.98
C ASN A 116 -9.70 -22.38 -11.05
N LYS A 117 -8.49 -22.90 -10.88
CA LYS A 117 -8.24 -24.01 -9.97
C LYS A 117 -7.53 -23.35 -8.79
N VAL A 118 -8.26 -23.19 -7.69
CA VAL A 118 -7.77 -22.48 -6.51
C VAL A 118 -7.54 -23.35 -5.30
N ARG A 119 -6.46 -23.06 -4.58
CA ARG A 119 -6.13 -23.78 -3.35
C ARG A 119 -5.94 -22.68 -2.29
N PHE A 120 -6.45 -22.92 -1.09
CA PHE A 120 -6.33 -21.95 -0.01
C PHE A 120 -6.02 -22.69 1.27
N ASP A 121 -4.92 -22.34 1.92
CA ASP A 121 -4.56 -22.96 3.18
C ASP A 121 -4.25 -21.87 4.20
N GLY A 122 -4.78 -22.02 5.41
CA GLY A 122 -4.54 -21.04 6.46
C GLY A 122 -4.21 -21.72 7.77
N VAL A 123 -3.22 -21.18 8.48
CA VAL A 123 -2.78 -21.74 9.75
C VAL A 123 -2.45 -20.67 10.76
N ASN A 124 -2.30 -21.11 11.99
CA ASN A 124 -1.90 -20.27 13.11
C ASN A 124 -2.83 -19.13 13.50
N PHE A 125 -4.11 -19.24 13.16
CA PHE A 125 -5.06 -18.21 13.57
C PHE A 125 -5.43 -18.46 15.03
N PRO A 126 -5.34 -17.43 15.88
CA PRO A 126 -5.69 -17.60 17.30
C PRO A 126 -7.16 -18.03 17.36
N PRO A 127 -7.48 -19.03 18.19
CA PRO A 127 -8.87 -19.49 18.28
C PRO A 127 -9.90 -18.45 18.67
N ASN A 128 -9.50 -17.44 19.42
CA ASN A 128 -10.42 -16.40 19.85
C ASN A 128 -10.22 -15.11 19.08
N GLY A 129 -9.44 -15.21 18.01
CA GLY A 129 -9.17 -14.07 17.15
C GLY A 129 -10.33 -13.72 16.24
N PRO A 130 -10.28 -12.58 15.54
CA PRO A 130 -11.37 -12.15 14.66
C PRO A 130 -11.70 -13.07 13.49
N VAL A 131 -10.71 -13.81 13.02
CA VAL A 131 -10.98 -14.72 11.93
C VAL A 131 -11.75 -15.95 12.40
N MET A 132 -11.25 -16.64 13.43
CA MET A 132 -11.95 -17.83 13.90
C MET A 132 -13.27 -17.50 14.59
N GLN A 133 -13.42 -16.26 15.05
CA GLN A 133 -14.66 -15.86 15.71
C GLN A 133 -15.61 -15.11 14.75
N LYS A 134 -15.26 -15.04 13.47
CA LYS A 134 -16.11 -14.40 12.47
C LYS A 134 -16.53 -12.99 12.83
N LYS A 135 -15.55 -12.16 13.13
CA LYS A 135 -15.79 -10.78 13.52
C LYS A 135 -15.43 -9.78 12.43
N THR A 136 -15.20 -10.24 11.20
CA THR A 136 -14.84 -9.32 10.14
C THR A 136 -16.08 -8.78 9.43
N LEU A 137 -15.96 -7.57 8.91
CA LEU A 137 -17.08 -6.93 8.20
C LEU A 137 -16.78 -6.81 6.72
N LYS A 138 -15.54 -6.45 6.37
CA LYS A 138 -15.16 -6.32 4.97
C LYS A 138 -13.68 -6.00 4.85
N TRP A 139 -13.16 -6.14 3.64
CA TRP A 139 -11.80 -5.68 3.37
C TRP A 139 -12.03 -4.23 2.96
N GLU A 140 -11.13 -3.35 3.37
CA GLU A 140 -11.21 -1.98 2.90
C GLU A 140 -10.66 -1.98 1.47
N ALA A 141 -10.93 -0.93 0.72
CA ALA A 141 -10.38 -0.81 -0.63
C ALA A 141 -8.86 -0.79 -0.45
N SER A 142 -8.12 -1.00 -1.53
CA SER A 142 -6.66 -1.05 -1.42
C SER A 142 -5.97 -0.59 -2.70
N THR A 143 -4.66 -0.43 -2.59
CA THR A 143 -3.84 -0.10 -3.74
C THR A 143 -2.66 -1.07 -3.73
N GLU A 144 -2.63 -1.93 -4.74
CA GLU A 144 -1.59 -2.93 -4.93
C GLU A 144 -0.41 -2.31 -5.67
N LYS A 145 0.80 -2.54 -5.15
CA LYS A 145 2.02 -2.03 -5.77
C LYS A 145 2.63 -3.17 -6.60
N MET A 146 2.64 -2.96 -7.90
CA MET A 146 3.13 -3.95 -8.88
C MET A 146 4.53 -3.65 -9.35
N TYR A 147 5.40 -4.66 -9.29
CA TYR A 147 6.78 -4.47 -9.71
C TYR A 147 7.41 -5.84 -9.94
N LEU A 148 8.58 -5.88 -10.55
CA LEU A 148 9.24 -7.15 -10.79
C LEU A 148 10.22 -7.48 -9.68
N ARG A 149 10.21 -8.74 -9.22
CA ARG A 149 11.14 -9.21 -8.20
C ARG A 149 11.83 -10.40 -8.84
N ASP A 150 13.13 -10.27 -9.09
CA ASP A 150 13.91 -11.33 -9.71
C ASP A 150 13.19 -11.77 -10.99
N GLY A 151 12.71 -10.78 -11.76
CA GLY A 151 12.05 -11.05 -13.02
C GLY A 151 10.60 -11.52 -13.02
N VAL A 152 10.02 -11.65 -11.83
CA VAL A 152 8.65 -12.12 -11.68
C VAL A 152 7.73 -10.98 -11.24
N LEU A 153 6.63 -10.77 -11.94
CA LEU A 153 5.71 -9.70 -11.59
C LEU A 153 5.13 -10.01 -10.20
N THR A 154 5.24 -9.02 -9.32
CA THR A 154 4.84 -9.15 -7.94
C THR A 154 3.95 -8.00 -7.51
N GLY A 155 2.92 -8.28 -6.73
CA GLY A 155 2.06 -7.24 -6.22
C GLY A 155 2.08 -7.29 -4.69
N ASP A 156 2.51 -6.20 -4.05
CA ASP A 156 2.53 -6.13 -2.58
C ASP A 156 1.40 -5.19 -2.16
N ILE A 157 0.68 -5.58 -1.10
CA ILE A 157 -0.44 -4.74 -0.66
C ILE A 157 -0.58 -4.65 0.84
N THR A 158 -0.89 -3.44 1.28
CA THR A 158 -1.19 -3.13 2.66
C THR A 158 -2.71 -3.35 2.74
N MET A 159 -3.14 -4.52 3.19
CA MET A 159 -4.58 -4.80 3.28
C MET A 159 -5.09 -4.65 4.71
N ALA A 160 -6.39 -4.42 4.85
CA ALA A 160 -6.98 -4.30 6.18
C ALA A 160 -8.42 -4.75 6.18
N LEU A 161 -8.77 -5.55 7.19
CA LEU A 161 -10.15 -5.99 7.38
C LEU A 161 -10.76 -5.08 8.45
N LEU A 162 -11.94 -4.56 8.17
CA LEU A 162 -12.66 -3.77 9.15
C LEU A 162 -13.34 -4.83 10.02
N LEU A 163 -13.28 -4.66 11.33
CA LEU A 163 -13.89 -5.62 12.25
C LEU A 163 -15.06 -4.98 12.96
N LYS A 164 -15.91 -5.81 13.56
CA LYS A 164 -17.01 -5.29 14.36
C LYS A 164 -16.34 -4.47 15.45
N GLY A 165 -17.00 -3.43 15.93
CA GLY A 165 -16.39 -2.61 16.97
C GLY A 165 -15.58 -1.46 16.39
N ASP A 166 -15.65 -1.30 15.08
CA ASP A 166 -14.97 -0.21 14.39
C ASP A 166 -13.44 -0.17 14.59
N VAL A 167 -12.78 -1.30 14.37
CA VAL A 167 -11.31 -1.37 14.48
C VAL A 167 -10.82 -2.14 13.26
N HIS A 168 -9.53 -2.02 12.94
CA HIS A 168 -8.96 -2.73 11.78
C HIS A 168 -7.97 -3.81 12.15
N TYR A 169 -7.86 -4.77 11.24
CA TYR A 169 -7.01 -5.94 11.41
C TYR A 169 -6.21 -6.03 10.12
N ARG A 170 -4.91 -5.82 10.24
CA ARG A 170 -4.02 -5.79 9.08
C ARG A 170 -3.52 -7.11 8.55
N CYS A 171 -3.36 -7.13 7.23
CA CYS A 171 -2.82 -8.29 6.54
C CYS A 171 -1.94 -7.77 5.42
N ASP A 172 -0.75 -8.35 5.29
CA ASP A 172 0.14 -7.99 4.21
C ASP A 172 0.06 -9.07 3.13
N PHE A 173 -0.15 -8.62 1.90
CA PHE A 173 -0.25 -9.51 0.76
C PHE A 173 0.98 -9.43 -0.13
N ARG A 174 1.44 -10.57 -0.61
CA ARG A 174 2.42 -10.59 -1.69
C ARG A 174 1.92 -11.64 -2.67
N THR A 175 1.65 -11.21 -3.90
CA THR A 175 1.20 -12.13 -4.94
C THR A 175 2.25 -12.15 -6.03
N THR A 176 2.60 -13.32 -6.52
CA THR A 176 3.50 -13.39 -7.66
C THR A 176 2.66 -13.94 -8.81
N TYR A 177 2.82 -13.35 -9.99
CA TYR A 177 2.05 -13.69 -11.18
C TYR A 177 2.99 -14.26 -12.23
N LYS A 178 2.62 -15.39 -12.81
CA LYS A 178 3.47 -16.03 -13.80
C LYS A 178 2.68 -16.44 -15.03
N SER A 179 2.97 -15.78 -16.16
CA SER A 179 2.29 -16.07 -17.41
C SER A 179 2.89 -17.29 -18.08
N ARG A 180 2.05 -18.02 -18.82
CA ARG A 180 2.52 -19.17 -19.58
C ARG A 180 2.60 -18.76 -21.05
N GLN A 181 2.18 -17.53 -21.34
CA GLN A 181 2.21 -17.03 -22.71
C GLN A 181 3.58 -16.48 -23.08
N GLU A 182 4.08 -16.85 -24.24
CA GLU A 182 5.40 -16.39 -24.66
C GLU A 182 5.40 -14.94 -25.19
N GLY A 183 6.51 -14.26 -24.98
CA GLY A 183 6.67 -12.90 -25.47
C GLY A 183 5.86 -11.79 -24.81
N VAL A 184 5.38 -12.01 -23.60
CA VAL A 184 4.60 -10.98 -22.91
C VAL A 184 5.47 -9.77 -22.58
N LYS A 185 4.93 -8.58 -22.80
CA LYS A 185 5.65 -7.35 -22.49
C LYS A 185 5.42 -7.03 -21.02
N LEU A 186 6.51 -6.95 -20.27
CA LEU A 186 6.43 -6.67 -18.83
C LEU A 186 6.24 -5.20 -18.51
N PRO A 187 5.41 -4.90 -17.49
CA PRO A 187 5.18 -3.51 -17.11
C PRO A 187 6.26 -3.07 -16.13
N GLY A 188 6.35 -1.76 -15.93
CA GLY A 188 7.28 -1.22 -14.96
C GLY A 188 6.47 -1.09 -13.67
N TYR A 189 7.04 -0.40 -12.68
CA TYR A 189 6.38 -0.20 -11.40
C TYR A 189 5.08 0.55 -11.60
N HIS A 190 3.99 0.01 -11.06
CA HIS A 190 2.71 0.69 -11.17
C HIS A 190 1.78 0.28 -10.05
N PHE A 191 0.53 0.70 -10.15
CA PHE A 191 -0.43 0.44 -9.10
C PHE A 191 -1.73 -0.11 -9.63
N VAL A 192 -2.44 -0.85 -8.77
CA VAL A 192 -3.78 -1.30 -9.13
C VAL A 192 -4.68 -1.06 -7.92
N ASP A 193 -5.63 -0.14 -8.07
CA ASP A 193 -6.59 0.13 -7.00
C ASP A 193 -7.60 -1.00 -7.03
N HIS A 194 -8.05 -1.43 -5.87
CA HIS A 194 -9.05 -2.49 -5.77
C HIS A 194 -10.14 -2.13 -4.78
N CYS A 195 -11.30 -2.72 -4.98
CA CYS A 195 -12.36 -2.67 -4.00
C CYS A 195 -13.15 -3.96 -4.17
N ILE A 196 -13.05 -4.83 -3.18
CA ILE A 196 -13.77 -6.10 -3.22
C ILE A 196 -14.89 -6.05 -2.18
N SER A 197 -16.04 -6.58 -2.55
CA SER A 197 -17.20 -6.53 -1.68
C SER A 197 -18.11 -7.75 -1.75
N ILE A 198 -18.56 -8.20 -0.59
CA ILE A 198 -19.56 -9.27 -0.55
C ILE A 198 -20.86 -8.45 -0.69
N LEU A 199 -21.55 -8.60 -1.82
CA LEU A 199 -22.79 -7.84 -2.06
C LEU A 199 -23.95 -8.36 -1.23
N ARG A 200 -24.00 -9.68 -1.04
CA ARG A 200 -25.03 -10.31 -0.21
C ARG A 200 -24.60 -11.73 0.10
N HIS A 201 -25.20 -12.31 1.13
CA HIS A 201 -24.83 -13.66 1.55
C HIS A 201 -25.93 -14.19 2.43
N ASP A 202 -26.00 -15.51 2.56
CA ASP A 202 -26.99 -16.09 3.46
C ASP A 202 -26.37 -16.13 4.85
N LYS A 203 -27.14 -16.56 5.84
CA LYS A 203 -26.67 -16.57 7.22
C LYS A 203 -25.27 -17.11 7.48
N ASP A 204 -24.99 -18.31 7.02
CA ASP A 204 -23.70 -18.96 7.25
C ASP A 204 -22.68 -18.81 6.13
N TYR A 205 -22.99 -17.96 5.16
CA TYR A 205 -22.11 -17.73 4.00
C TYR A 205 -21.95 -18.95 3.10
N ASN A 206 -22.94 -19.84 3.11
CA ASN A 206 -22.92 -21.00 2.25
C ASN A 206 -23.12 -20.49 0.82
N GLU A 207 -23.81 -19.36 0.70
CA GLU A 207 -24.07 -18.72 -0.58
C GLU A 207 -23.65 -17.26 -0.48
N VAL A 208 -22.72 -16.86 -1.34
CA VAL A 208 -22.19 -15.51 -1.34
C VAL A 208 -22.15 -14.89 -2.74
N LYS A 209 -22.51 -13.61 -2.83
CA LYS A 209 -22.44 -12.87 -4.11
C LYS A 209 -21.28 -11.92 -3.88
N LEU A 210 -20.25 -12.07 -4.71
CA LEU A 210 -19.02 -11.27 -4.58
C LEU A 210 -18.81 -10.36 -5.78
N TYR A 211 -18.17 -9.22 -5.55
CA TYR A 211 -17.92 -8.24 -6.61
C TYR A 211 -16.58 -7.56 -6.40
N GLU A 212 -15.88 -7.25 -7.49
CA GLU A 212 -14.62 -6.52 -7.40
C GLU A 212 -14.53 -5.48 -8.51
N HIS A 213 -13.97 -4.33 -8.17
CA HIS A 213 -13.72 -3.25 -9.12
C HIS A 213 -12.21 -3.00 -8.97
N ALA A 214 -11.47 -2.92 -10.08
CA ALA A 214 -10.02 -2.70 -10.02
C ALA A 214 -9.59 -1.84 -11.19
N VAL A 215 -8.68 -0.90 -10.91
CA VAL A 215 -8.20 0.04 -11.92
C VAL A 215 -6.70 0.26 -11.76
N ALA A 216 -5.94 0.04 -12.82
CA ALA A 216 -4.51 0.23 -12.79
C ALA A 216 -4.16 1.67 -13.10
N HIS A 217 -3.08 2.17 -12.52
CA HIS A 217 -2.67 3.55 -12.77
C HIS A 217 -1.20 3.75 -12.42
N SER A 218 -0.71 4.96 -12.69
CA SER A 218 0.69 5.31 -12.48
C SER A 218 0.95 6.18 -11.26
N GLY A 219 -0.06 6.30 -10.40
CA GLY A 219 0.10 7.10 -9.18
C GLY A 219 0.27 8.59 -9.46
N LEU A 220 0.67 9.30 -8.41
CA LEU A 220 0.95 10.73 -8.41
C LEU A 220 -0.25 11.54 -7.92
N PRO B 2 -11.80 21.97 15.09
CA PRO B 2 -11.10 23.21 14.66
C PRO B 2 -11.44 23.64 13.24
N MET B 3 -11.52 24.95 13.03
CA MET B 3 -11.77 25.51 11.71
C MET B 3 -10.41 26.09 11.33
N SER B 4 -9.71 25.37 10.47
CA SER B 4 -8.36 25.74 10.09
C SER B 4 -8.09 27.12 9.50
N LEU B 5 -7.09 27.79 10.04
CA LEU B 5 -6.69 29.10 9.55
C LEU B 5 -5.39 28.99 8.72
N ILE B 6 -4.97 27.75 8.42
CA ILE B 6 -3.78 27.56 7.60
C ILE B 6 -4.04 28.24 6.26
N LYS B 7 -3.04 28.95 5.76
CA LYS B 7 -3.16 29.68 4.51
C LYS B 7 -2.78 28.87 3.28
N PRO B 8 -3.19 29.33 2.09
CA PRO B 8 -2.87 28.63 0.85
C PRO B 8 -1.38 28.59 0.55
N GLU B 9 -0.61 29.50 1.15
CA GLU B 9 0.84 29.53 0.98
C GLU B 9 1.45 29.57 2.39
N MET B 10 2.35 28.64 2.68
CA MET B 10 2.99 28.59 4.00
C MET B 10 4.48 28.36 3.84
N LYS B 11 5.26 28.71 4.87
CA LYS B 11 6.70 28.53 4.82
C LYS B 11 7.07 27.36 5.75
N ILE B 12 8.28 26.84 5.57
CA ILE B 12 8.75 25.71 6.36
C ILE B 12 10.20 25.85 6.79
N LYS B 13 10.49 25.57 8.06
CA LYS B 13 11.85 25.60 8.60
C LYS B 13 12.03 24.22 9.24
N LEU B 14 13.18 23.61 9.02
CA LEU B 14 13.40 22.26 9.52
C LEU B 14 14.84 22.01 9.96
N LEU B 15 14.98 21.21 11.01
CA LEU B 15 16.29 20.82 11.49
C LEU B 15 16.23 19.33 11.80
N MET B 16 17.10 18.56 11.15
CA MET B 16 17.18 17.13 11.36
C MET B 16 18.52 16.74 11.99
N GLU B 17 18.46 15.99 13.06
CA GLU B 17 19.67 15.46 13.71
C GLU B 17 19.55 13.95 13.48
N GLY B 18 20.60 13.35 12.94
CA GLY B 18 20.52 11.92 12.67
C GLY B 18 21.79 11.13 12.85
N ASN B 19 21.63 9.81 12.78
CA ASN B 19 22.74 8.90 12.91
C ASN B 19 22.33 7.64 12.18
N VAL B 20 23.06 7.31 11.10
CA VAL B 20 22.77 6.11 10.31
C VAL B 20 24.03 5.26 10.29
N ASN B 21 23.89 4.01 10.75
CA ASN B 21 24.99 3.05 10.81
C ASN B 21 26.24 3.65 11.47
N GLY B 22 26.01 4.50 12.47
CA GLY B 22 27.10 5.11 13.20
C GLY B 22 27.53 6.48 12.69
N HIS B 23 27.04 6.89 11.53
CA HIS B 23 27.42 8.17 10.97
C HIS B 23 26.47 9.28 11.44
N GLN B 24 27.00 10.22 12.19
CA GLN B 24 26.21 11.32 12.70
C GLN B 24 26.14 12.47 11.69
N PHE B 25 24.99 13.14 11.64
CA PHE B 25 24.84 14.27 10.72
C PHE B 25 23.73 15.22 11.16
N VAL B 26 23.74 16.42 10.59
CA VAL B 26 22.73 17.43 10.86
C VAL B 26 22.38 18.03 9.52
N ILE B 27 21.09 18.17 9.23
CA ILE B 27 20.64 18.76 7.97
C ILE B 27 19.61 19.83 8.27
N GLU B 28 19.73 20.96 7.58
CA GLU B 28 18.79 22.06 7.76
C GLU B 28 17.95 22.20 6.51
N GLY B 29 16.66 22.48 6.70
CA GLY B 29 15.76 22.65 5.58
C GLY B 29 15.02 23.98 5.60
N ASP B 30 14.87 24.58 4.43
CA ASP B 30 14.15 25.85 4.28
C ASP B 30 13.24 25.61 3.09
N GLY B 31 11.94 25.68 3.31
CA GLY B 31 11.01 25.42 2.23
C GLY B 31 9.70 26.18 2.29
N LYS B 32 8.76 25.73 1.48
CA LYS B 32 7.46 26.36 1.42
C LYS B 32 6.48 25.41 0.76
N GLY B 33 5.20 25.72 0.82
CA GLY B 33 4.24 24.85 0.19
C GLY B 33 2.85 25.41 0.11
N HIS B 34 1.97 24.66 -0.56
CA HIS B 34 0.57 25.04 -0.77
C HIS B 34 -0.22 23.90 -0.12
N PRO B 35 -0.59 24.08 1.15
CA PRO B 35 -1.32 23.05 1.89
C PRO B 35 -2.56 22.47 1.20
N PHE B 36 -3.37 23.33 0.60
CA PHE B 36 -4.59 22.84 -0.02
C PHE B 36 -4.40 22.20 -1.37
N GLU B 37 -3.22 22.37 -1.96
CA GLU B 37 -2.88 21.72 -3.23
C GLU B 37 -2.11 20.42 -2.94
N GLY B 38 -1.65 20.25 -1.70
CA GLY B 38 -0.86 19.09 -1.32
C GLY B 38 0.53 19.09 -1.96
N LYS B 39 1.13 20.25 -2.11
CA LYS B 39 2.45 20.36 -2.73
C LYS B 39 3.39 21.18 -1.87
N GLN B 40 4.65 20.75 -1.81
CA GLN B 40 5.65 21.48 -1.04
C GLN B 40 7.02 21.22 -1.63
N SER B 41 7.95 22.12 -1.36
CA SER B 41 9.32 21.96 -1.84
C SER B 41 10.24 22.48 -0.74
N MET B 42 11.48 22.00 -0.73
CA MET B 42 12.42 22.42 0.31
C MET B 42 13.86 22.36 -0.16
N ASP B 43 14.67 23.29 0.35
CA ASP B 43 16.09 23.33 0.07
C ASP B 43 16.75 22.75 1.32
N LEU B 44 17.50 21.67 1.14
CA LEU B 44 18.17 21.00 2.26
C LEU B 44 19.68 21.12 2.17
N VAL B 45 20.30 21.43 3.31
CA VAL B 45 21.76 21.58 3.37
C VAL B 45 22.35 20.75 4.50
N VAL B 46 23.36 19.94 4.19
CA VAL B 46 24.03 19.14 5.21
C VAL B 46 24.96 20.08 5.98
N LYS B 47 24.70 20.24 7.28
CA LYS B 47 25.49 21.14 8.11
C LYS B 47 26.62 20.44 8.88
N GLU B 48 26.44 19.16 9.17
CA GLU B 48 27.45 18.37 9.87
C GLU B 48 27.40 16.96 9.31
N GLY B 49 28.55 16.30 9.21
CA GLY B 49 28.58 14.95 8.71
C GLY B 49 28.73 14.81 7.21
N ALA B 50 29.05 15.92 6.52
CA ALA B 50 29.21 15.86 5.07
C ALA B 50 30.59 15.28 4.72
N PRO B 51 30.66 14.43 3.69
CA PRO B 51 29.58 13.96 2.82
C PRO B 51 28.93 12.71 3.41
N LEU B 52 27.61 12.59 3.29
CA LEU B 52 26.93 11.42 3.83
C LEU B 52 27.37 10.16 3.11
N PRO B 53 27.64 9.09 3.89
CA PRO B 53 28.09 7.82 3.29
C PRO B 53 26.97 6.84 2.98
N PHE B 54 25.74 7.32 2.95
CA PHE B 54 24.60 6.45 2.67
C PHE B 54 23.62 7.18 1.75
N ALA B 55 22.70 6.41 1.18
CA ALA B 55 21.69 6.92 0.26
C ALA B 55 20.81 7.99 0.87
N TYR B 56 20.88 9.20 0.30
CA TYR B 56 20.09 10.32 0.80
C TYR B 56 18.61 10.00 0.80
N ASP B 57 18.17 9.21 -0.18
CA ASP B 57 16.76 8.87 -0.29
C ASP B 57 16.17 8.30 0.98
N ILE B 58 16.94 7.59 1.81
CA ILE B 58 16.28 7.04 3.00
C ILE B 58 15.74 8.12 3.92
N LEU B 59 16.28 9.34 3.82
CA LEU B 59 15.90 10.44 4.69
C LEU B 59 14.75 11.30 4.22
N THR B 60 14.48 11.29 2.92
CA THR B 60 13.55 12.26 2.38
C THR B 60 12.13 12.35 2.89
N THR B 61 11.50 11.23 3.23
CA THR B 61 10.15 11.33 3.74
C THR B 61 10.15 11.91 5.15
N ALA B 62 11.30 12.00 5.79
CA ALA B 62 11.33 12.65 7.11
C ALA B 62 11.28 14.17 6.91
N PHE B 63 11.67 14.64 5.72
CA PHE B 63 11.59 16.07 5.41
C PHE B 63 10.16 16.39 4.89
N ASN B 65 5.31 16.16 6.59
CA ASN B 65 4.23 16.97 7.17
C ASN B 65 2.98 16.83 6.33
N ARG B 66 2.08 15.96 6.82
CA ARG B 66 0.85 15.64 6.11
C ARG B 66 -0.13 16.81 5.96
N VAL B 67 0.21 17.97 6.52
CA VAL B 67 -0.59 19.16 6.30
C VAL B 67 -0.56 19.40 4.78
N PHE B 68 0.58 19.06 4.17
CA PHE B 68 0.73 19.24 2.74
C PHE B 68 0.21 18.02 1.97
N ALA B 69 -1.12 17.92 1.97
CA ALA B 69 -1.83 16.85 1.28
C ALA B 69 -3.21 17.44 0.97
N LYS B 70 -3.67 17.24 -0.26
CA LYS B 70 -4.97 17.77 -0.67
C LYS B 70 -6.08 16.88 -0.14
N TYR B 71 -6.79 17.33 0.89
CA TYR B 71 -7.88 16.57 1.48
C TYR B 71 -9.24 17.01 0.93
N PRO B 72 -10.05 16.06 0.47
CA PRO B 72 -11.37 16.42 -0.05
C PRO B 72 -12.27 16.71 1.15
N ASP B 73 -13.36 17.42 0.90
CA ASP B 73 -14.27 17.81 1.98
C ASP B 73 -14.88 16.66 2.79
N HIS B 74 -15.07 15.50 2.17
CA HIS B 74 -15.70 14.40 2.90
C HIS B 74 -14.79 13.58 3.81
N ILE B 75 -13.51 13.92 3.86
CA ILE B 75 -12.60 13.21 4.75
C ILE B 75 -12.02 14.20 5.76
N PRO B 76 -12.26 13.99 7.06
CA PRO B 76 -11.71 14.91 8.06
C PRO B 76 -10.20 14.99 7.88
N ASP B 77 -9.68 16.21 7.93
CA ASP B 77 -8.27 16.49 7.75
C ASP B 77 -7.65 16.68 9.13
N TYR B 78 -7.09 15.60 9.65
CA TYR B 78 -6.48 15.58 10.98
C TYR B 78 -5.38 16.62 11.15
N PHE B 79 -4.65 16.82 10.06
CA PHE B 79 -3.51 17.70 10.05
C PHE B 79 -3.82 19.19 10.02
N LYS B 80 -4.68 19.60 9.10
CA LYS B 80 -5.01 21.02 9.04
C LYS B 80 -5.82 21.43 10.27
N GLN B 81 -6.45 20.46 10.95
CA GLN B 81 -7.18 20.76 12.17
C GLN B 81 -6.23 20.90 13.37
N SER B 82 -5.00 20.39 13.25
CA SER B 82 -4.06 20.39 14.35
C SER B 82 -3.34 21.67 14.70
N PHE B 83 -3.94 22.80 14.40
CA PHE B 83 -3.29 24.05 14.72
C PHE B 83 -4.25 24.98 15.44
N PRO B 84 -3.71 25.99 16.14
CA PRO B 84 -2.31 26.35 16.31
C PRO B 84 -1.34 25.51 17.16
N LYS B 85 -1.83 24.56 17.94
CA LYS B 85 -0.93 23.81 18.81
C LYS B 85 0.08 22.88 18.15
N GLY B 86 -0.26 22.37 16.97
CA GLY B 86 0.64 21.47 16.25
C GLY B 86 0.42 19.98 16.49
N PHE B 87 1.28 19.17 15.89
CA PHE B 87 1.20 17.73 16.04
C PHE B 87 2.59 17.14 15.87
N SER B 88 2.73 15.87 16.23
CA SER B 88 4.00 15.22 16.05
C SER B 88 3.72 13.88 15.40
N TRP B 89 4.76 13.28 14.84
CA TRP B 89 4.62 11.96 14.27
C TRP B 89 5.87 11.14 14.52
N GLU B 90 5.68 9.83 14.50
CA GLU B 90 6.74 8.85 14.73
C GLU B 90 6.63 7.87 13.58
N ARG B 91 7.77 7.37 13.09
CA ARG B 91 7.73 6.45 11.97
C ARG B 91 8.80 5.38 12.05
N SER B 92 8.42 4.14 11.69
CA SER B 92 9.39 3.07 11.61
C SER B 92 9.49 2.76 10.11
N LEU B 93 10.72 2.56 9.64
CA LEU B 93 11.02 2.23 8.26
C LEU B 93 11.72 0.88 8.32
N MET B 94 11.05 -0.16 7.85
CA MET B 94 11.62 -1.51 7.89
C MET B 94 12.01 -1.95 6.49
N PHE B 95 13.30 -1.96 6.21
CA PHE B 95 13.79 -2.34 4.88
C PHE B 95 13.92 -3.84 4.75
N GLU B 96 13.73 -4.35 3.54
CA GLU B 96 13.76 -5.78 3.35
C GLU B 96 15.06 -6.52 3.59
N ASP B 97 16.18 -5.81 3.66
CA ASP B 97 17.45 -6.46 3.94
C ASP B 97 17.89 -6.32 5.39
N GLY B 98 16.98 -5.90 6.25
CA GLY B 98 17.29 -5.77 7.67
C GLY B 98 17.50 -4.36 8.20
N GLY B 99 17.70 -3.40 7.30
CA GLY B 99 17.88 -2.05 7.77
C GLY B 99 16.62 -1.58 8.46
N VAL B 100 16.78 -0.87 9.57
CA VAL B 100 15.64 -0.34 10.32
C VAL B 100 15.91 1.10 10.71
N CYS B 101 14.97 1.98 10.41
CA CYS B 101 15.12 3.37 10.81
C CYS B 101 13.90 3.82 11.59
N ILE B 102 14.11 4.81 12.43
CA ILE B 102 13.04 5.45 13.19
C ILE B 102 13.22 6.92 12.91
N ALA B 103 12.13 7.58 12.53
CA ALA B 103 12.16 9.02 12.29
C ALA B 103 11.04 9.63 13.10
N THR B 104 11.28 10.81 13.64
CA THR B 104 10.26 11.51 14.39
C THR B 104 10.31 12.99 14.02
N ASN B 105 9.17 13.65 14.14
CA ASN B 105 9.10 15.07 13.83
C ASN B 105 8.08 15.71 14.73
N ASP B 106 8.47 16.81 15.37
CA ASP B 106 7.54 17.56 16.21
C ASP B 106 7.31 18.82 15.38
N ILE B 107 6.07 19.03 14.95
CA ILE B 107 5.73 20.17 14.12
C ILE B 107 4.98 21.24 14.87
N THR B 108 5.48 22.47 14.78
CA THR B 108 4.86 23.62 15.43
C THR B 108 4.64 24.71 14.39
N LEU B 109 3.93 25.76 14.78
CA LEU B 109 3.63 26.85 13.88
C LEU B 109 3.84 28.19 14.54
N LYS B 110 4.50 29.09 13.83
CA LYS B 110 4.73 30.45 14.31
C LYS B 110 4.49 31.33 13.09
N GLY B 111 3.52 32.23 13.18
CA GLY B 111 3.23 33.07 12.03
C GLY B 111 2.76 32.18 10.89
N ASP B 112 3.38 32.29 9.72
CA ASP B 112 2.98 31.44 8.60
C ASP B 112 4.04 30.39 8.31
N THR B 113 4.82 30.04 9.32
CA THR B 113 5.91 29.08 9.15
C THR B 113 5.80 27.85 10.04
N PHE B 114 5.88 26.68 9.42
CA PHE B 114 5.85 25.43 10.18
C PHE B 114 7.28 25.14 10.56
N PHE B 115 7.51 24.84 11.83
CA PHE B 115 8.85 24.49 12.31
C PHE B 115 8.85 23.00 12.56
N ASN B 116 9.94 22.35 12.17
CA ASN B 116 10.07 20.91 12.28
C ASN B 116 11.34 20.46 13.02
N LYS B 117 11.16 19.74 14.12
CA LYS B 117 12.28 19.22 14.90
C LYS B 117 12.30 17.72 14.59
N VAL B 118 13.24 17.32 13.75
CA VAL B 118 13.33 15.96 13.25
C VAL B 118 14.52 15.17 13.76
N ARG B 119 14.28 13.88 14.04
CA ARG B 119 15.33 12.97 14.48
C ARG B 119 15.25 11.77 13.55
N PHE B 120 16.40 11.27 13.12
CA PHE B 120 16.43 10.12 12.22
C PHE B 120 17.56 9.19 12.65
N ASP B 121 17.22 7.94 12.94
CA ASP B 121 18.23 6.96 13.33
C ASP B 121 18.05 5.72 12.46
N GLY B 122 19.16 5.20 11.95
CA GLY B 122 19.11 4.01 11.12
C GLY B 122 20.19 3.03 11.52
N VAL B 123 19.83 1.76 11.58
CA VAL B 123 20.76 0.70 11.97
C VAL B 123 20.58 -0.55 11.15
N ASN B 124 21.56 -1.43 11.28
CA ASN B 124 21.56 -2.75 10.65
C ASN B 124 21.55 -2.80 9.13
N PHE B 125 22.02 -1.75 8.50
CA PHE B 125 22.11 -1.76 7.04
C PHE B 125 23.36 -2.54 6.65
N PRO B 126 23.23 -3.51 5.74
CA PRO B 126 24.41 -4.29 5.31
C PRO B 126 25.42 -3.32 4.68
N PRO B 127 26.70 -3.45 5.02
CA PRO B 127 27.71 -2.54 4.46
C PRO B 127 27.81 -2.47 2.95
N ASN B 128 27.49 -3.58 2.30
CA ASN B 128 27.56 -3.63 0.84
C ASN B 128 26.18 -3.54 0.20
N GLY B 129 25.20 -3.18 1.03
CA GLY B 129 23.82 -3.04 0.57
C GLY B 129 23.59 -1.77 -0.23
N PRO B 130 22.42 -1.62 -0.86
CA PRO B 130 22.13 -0.43 -1.67
C PRO B 130 22.09 0.89 -0.93
N VAL B 131 21.79 0.84 0.36
CA VAL B 131 21.76 2.07 1.12
C VAL B 131 23.18 2.55 1.44
N MET B 132 24.02 1.69 2.03
CA MET B 132 25.37 2.14 2.35
C MET B 132 26.24 2.31 1.11
N GLN B 133 25.84 1.70 -0.01
CA GLN B 133 26.60 1.85 -1.24
C GLN B 133 26.01 2.91 -2.18
N LYS B 134 25.01 3.65 -1.72
CA LYS B 134 24.38 4.72 -2.48
C LYS B 134 23.94 4.31 -3.88
N LYS B 135 23.15 3.24 -3.94
CA LYS B 135 22.66 2.73 -5.21
C LYS B 135 21.19 3.01 -5.46
N THR B 136 20.60 3.90 -4.67
CA THR B 136 19.18 4.21 -4.88
C THR B 136 18.99 5.33 -5.88
N LEU B 137 17.87 5.29 -6.59
CA LEU B 137 17.57 6.33 -7.58
C LEU B 137 16.42 7.22 -7.14
N LYS B 138 15.40 6.64 -6.53
CA LYS B 138 14.24 7.41 -6.06
C LYS B 138 13.26 6.50 -5.34
N TRP B 139 12.34 7.10 -4.62
CA TRP B 139 11.24 6.35 -4.03
C TRP B 139 10.20 6.37 -5.15
N GLU B 140 9.49 5.27 -5.32
CA GLU B 140 8.40 5.26 -6.30
C GLU B 140 7.24 6.00 -5.61
N ALA B 141 6.23 6.38 -6.39
CA ALA B 141 5.06 7.02 -5.82
C ALA B 141 4.43 5.97 -4.90
N SER B 142 3.53 6.38 -4.02
CA SER B 142 2.95 5.42 -3.08
C SER B 142 1.52 5.80 -2.69
N THR B 143 0.86 4.88 -1.99
CA THR B 143 -0.46 5.14 -1.45
C THR B 143 -0.43 4.70 0.00
N GLU B 144 -0.56 5.68 0.90
CA GLU B 144 -0.55 5.46 2.33
C GLU B 144 -1.98 5.10 2.79
N LYS B 145 -2.09 4.05 3.60
CA LYS B 145 -3.37 3.60 4.14
C LYS B 145 -3.48 4.17 5.56
N MET B 146 -4.43 5.07 5.74
CA MET B 146 -4.69 5.77 7.00
C MET B 146 -5.83 5.18 7.79
N TYR B 147 -5.58 4.87 9.05
CA TYR B 147 -6.62 4.29 9.89
C TYR B 147 -6.24 4.48 11.35
N LEU B 148 -7.18 4.21 12.26
CA LEU B 148 -6.87 4.36 13.67
C LEU B 148 -6.45 3.04 14.27
N ARG B 149 -5.39 3.07 15.07
CA ARG B 149 -4.88 1.89 15.77
C ARG B 149 -4.88 2.27 17.25
N ASP B 150 -5.71 1.60 18.02
CA ASP B 150 -5.83 1.90 19.44
C ASP B 150 -6.04 3.40 19.62
N GLY B 151 -6.90 3.98 18.78
CA GLY B 151 -7.23 5.40 18.85
C GLY B 151 -6.25 6.41 18.27
N VAL B 152 -5.14 5.93 17.71
CA VAL B 152 -4.11 6.80 17.17
C VAL B 152 -4.09 6.71 15.64
N LEU B 153 -4.14 7.85 14.96
CA LEU B 153 -4.11 7.84 13.50
C LEU B 153 -2.78 7.26 13.05
N THR B 154 -2.87 6.26 12.18
CA THR B 154 -1.73 5.52 11.69
C THR B 154 -1.74 5.41 10.17
N GLY B 155 -0.57 5.52 9.56
CA GLY B 155 -0.47 5.39 8.12
C GLY B 155 0.51 4.27 7.81
N ASP B 156 0.05 3.22 7.12
CA ASP B 156 0.92 2.11 6.73
C ASP B 156 1.16 2.21 5.23
N ILE B 157 2.40 2.01 4.80
CA ILE B 157 2.71 2.12 3.38
C ILE B 157 3.66 1.06 2.87
N THR B 158 3.35 0.59 1.66
CA THR B 158 4.19 -0.34 0.94
C THR B 158 5.07 0.59 0.12
N MET B 159 6.29 0.87 0.59
CA MET B 159 7.21 1.75 -0.12
C MET B 159 8.24 0.96 -0.90
N ALA B 160 8.81 1.58 -1.93
CA ALA B 160 9.86 0.93 -2.71
C ALA B 160 10.83 1.92 -3.29
N LEU B 161 12.11 1.61 -3.13
CA LEU B 161 13.16 2.43 -3.71
C LEU B 161 13.59 1.77 -5.03
N LEU B 162 13.64 2.57 -6.09
CA LEU B 162 14.13 2.07 -7.37
C LEU B 162 15.64 2.15 -7.22
N LEU B 163 16.34 1.08 -7.62
CA LEU B 163 17.81 1.03 -7.52
C LEU B 163 18.41 1.03 -8.91
N LYS B 164 19.71 1.30 -8.96
CA LYS B 164 20.44 1.24 -10.22
C LYS B 164 20.31 -0.23 -10.66
N GLY B 165 20.28 -0.48 -11.95
CA GLY B 165 20.15 -1.85 -12.42
C GLY B 165 18.70 -2.25 -12.61
N ASP B 166 17.82 -1.27 -12.52
CA ASP B 166 16.38 -1.48 -12.72
C ASP B 166 15.72 -2.53 -11.81
N VAL B 167 15.98 -2.45 -10.51
CA VAL B 167 15.39 -3.38 -9.55
C VAL B 167 14.84 -2.56 -8.38
N HIS B 168 13.97 -3.16 -7.58
CA HIS B 168 13.38 -2.45 -6.43
C HIS B 168 13.79 -3.03 -5.09
N TYR B 169 13.77 -2.16 -4.10
CA TYR B 169 14.20 -2.45 -2.74
C TYR B 169 13.04 -1.97 -1.87
N ARG B 170 12.37 -2.91 -1.23
CA ARG B 170 11.19 -2.62 -0.43
C ARG B 170 11.42 -2.14 0.99
N CYS B 171 10.52 -1.26 1.44
CA CYS B 171 10.57 -0.75 2.80
C CYS B 171 9.13 -0.61 3.25
N ASP B 172 8.83 -1.07 4.46
CA ASP B 172 7.48 -0.93 5.00
C ASP B 172 7.49 0.22 6.00
N PHE B 173 6.53 1.14 5.81
CA PHE B 173 6.41 2.28 6.70
C PHE B 173 5.20 2.17 7.62
N ARG B 174 5.38 2.58 8.86
CA ARG B 174 4.25 2.78 9.77
C ARG B 174 4.52 4.12 10.46
N THR B 175 3.61 5.07 10.25
CA THR B 175 3.71 6.37 10.89
C THR B 175 2.53 6.54 11.82
N THR B 176 2.78 7.02 13.03
CA THR B 176 1.67 7.33 13.93
C THR B 176 1.69 8.85 14.07
N TYR B 177 0.50 9.44 14.00
CA TYR B 177 0.33 10.89 14.04
C TYR B 177 -0.44 11.26 15.31
N LYS B 178 0.05 12.25 16.05
CA LYS B 178 -0.61 12.65 17.29
C LYS B 178 -0.74 14.15 17.41
N SER B 179 -1.98 14.62 17.34
CA SER B 179 -2.27 16.05 17.44
C SER B 179 -2.23 16.52 18.88
N ARG B 180 -1.87 17.79 19.05
CA ARG B 180 -1.85 18.41 20.37
C ARG B 180 -3.07 19.33 20.48
N GLN B 181 -3.82 19.44 19.39
CA GLN B 181 -5.00 20.30 19.35
C GLN B 181 -6.22 19.58 19.89
N GLU B 182 -6.94 20.22 20.78
CA GLU B 182 -8.13 19.62 21.36
C GLU B 182 -9.32 19.59 20.41
N GLY B 183 -10.15 18.56 20.56
CA GLY B 183 -11.35 18.44 19.76
C GLY B 183 -11.23 18.12 18.28
N VAL B 184 -10.10 17.57 17.85
CA VAL B 184 -9.93 17.23 16.45
C VAL B 184 -10.86 16.10 16.03
N LYS B 185 -11.49 16.26 14.86
CA LYS B 185 -12.39 15.25 14.33
C LYS B 185 -11.55 14.21 13.60
N LEU B 186 -11.63 12.97 14.05
CA LEU B 186 -10.85 11.89 13.45
C LEU B 186 -11.45 11.34 12.17
N PRO B 187 -10.61 11.04 11.17
CA PRO B 187 -11.11 10.50 9.92
C PRO B 187 -11.29 8.98 10.03
N GLY B 188 -11.99 8.41 9.08
CA GLY B 188 -12.17 6.97 9.04
C GLY B 188 -11.07 6.45 8.14
N TYR B 189 -11.15 5.19 7.75
CA TYR B 189 -10.14 4.59 6.88
C TYR B 189 -10.08 5.34 5.55
N HIS B 190 -8.89 5.74 5.13
CA HIS B 190 -8.75 6.42 3.85
C HIS B 190 -7.35 6.29 3.32
N PHE B 191 -7.08 6.98 2.22
CA PHE B 191 -5.79 6.87 1.54
C PHE B 191 -5.16 8.21 1.25
N VAL B 192 -3.84 8.22 1.16
CA VAL B 192 -3.14 9.43 0.74
C VAL B 192 -2.11 9.01 -0.28
N ASP B 193 -2.31 9.43 -1.53
CA ASP B 193 -1.33 9.16 -2.57
C ASP B 193 -0.19 10.13 -2.37
N HIS B 194 1.04 9.66 -2.62
CA HIS B 194 2.21 10.50 -2.50
C HIS B 194 3.13 10.32 -3.68
N CYS B 195 3.93 11.36 -3.93
CA CYS B 195 5.02 11.26 -4.88
C CYS B 195 6.07 12.23 -4.38
N ILE B 196 7.19 11.68 -3.91
CA ILE B 196 8.29 12.51 -3.41
C ILE B 196 9.44 12.41 -4.41
N SER B 197 10.09 13.55 -4.65
CA SER B 197 11.16 13.61 -5.62
C SER B 197 12.28 14.56 -5.28
N ILE B 198 13.52 14.11 -5.52
CA ILE B 198 14.66 15.00 -5.36
C ILE B 198 14.71 15.67 -6.76
N LEU B 199 14.41 16.98 -6.80
CA LEU B 199 14.39 17.72 -8.08
C LEU B 199 15.79 17.95 -8.63
N ARG B 200 16.74 18.18 -7.74
CA ARG B 200 18.12 18.35 -8.13
C ARG B 200 18.99 18.28 -6.88
N HIS B 201 20.28 18.06 -7.07
CA HIS B 201 21.21 17.93 -5.95
C HIS B 201 22.63 18.10 -6.46
N ASP B 202 23.54 18.42 -5.56
CA ASP B 202 24.93 18.53 -5.97
C ASP B 202 25.54 17.13 -5.86
N LYS B 203 26.79 16.99 -6.28
CA LYS B 203 27.45 15.68 -6.29
C LYS B 203 27.28 14.80 -5.06
N ASP B 204 27.60 15.32 -3.89
CA ASP B 204 27.52 14.55 -2.65
C ASP B 204 26.22 14.67 -1.88
N TYR B 205 25.24 15.37 -2.47
CA TYR B 205 23.95 15.58 -1.82
C TYR B 205 24.04 16.50 -0.60
N ASN B 206 25.05 17.36 -0.56
CA ASN B 206 25.18 18.32 0.53
C ASN B 206 24.08 19.35 0.36
N GLU B 207 23.64 19.53 -0.88
CA GLU B 207 22.56 20.46 -1.21
C GLU B 207 21.53 19.71 -2.03
N VAL B 208 20.30 19.67 -1.53
CA VAL B 208 19.24 18.94 -2.22
C VAL B 208 17.95 19.78 -2.31
N LYS B 209 17.30 19.72 -3.46
CA LYS B 209 16.01 20.40 -3.67
C LYS B 209 15.01 19.25 -3.70
N LEU B 210 14.09 19.26 -2.74
CA LEU B 210 13.09 18.19 -2.59
C LEU B 210 11.68 18.69 -2.86
N TYR B 211 10.82 17.80 -3.33
CA TYR B 211 9.44 18.16 -3.66
C TYR B 211 8.50 16.98 -3.36
N GLU B 212 7.30 17.29 -2.90
CA GLU B 212 6.30 16.25 -2.65
C GLU B 212 4.92 16.74 -3.09
N HIS B 213 4.15 15.82 -3.68
CA HIS B 213 2.77 16.05 -4.11
C HIS B 213 2.00 14.92 -3.38
N ALA B 214 0.91 15.26 -2.72
CA ALA B 214 0.11 14.26 -1.99
C ALA B 214 -1.37 14.63 -2.06
N VAL B 215 -2.20 13.61 -2.24
CA VAL B 215 -3.63 13.78 -2.38
C VAL B 215 -4.39 12.70 -1.62
N ALA B 216 -5.29 13.08 -0.73
CA ALA B 216 -6.09 12.12 0.03
C ALA B 216 -7.32 11.74 -0.75
N HIS B 217 -7.77 10.51 -0.59
CA HIS B 217 -8.96 10.04 -1.29
C HIS B 217 -9.55 8.84 -0.60
N SER B 218 -10.71 8.40 -1.10
CA SER B 218 -11.45 7.28 -0.52
C SER B 218 -11.33 5.98 -1.30
N GLY B 219 -10.38 5.93 -2.24
CA GLY B 219 -10.18 4.73 -3.04
C GLY B 219 -11.37 4.40 -3.92
N LEU B 220 -11.41 3.15 -4.38
CA LEU B 220 -12.48 2.63 -5.21
C LEU B 220 -12.11 2.81 -6.66
#